data_3QY6
#
_entry.id   3QY6
#
_cell.length_a   36.624
_cell.length_b   59.641
_cell.length_c   57.530
_cell.angle_alpha   90.00
_cell.angle_beta   101.08
_cell.angle_gamma   90.00
#
_symmetry.space_group_name_H-M   'P 1 21 1'
#
loop_
_entity.id
_entity.type
_entity.pdbx_description
1 polymer 'Tyrosine-protein phosphatase YwqE'
2 non-polymer 'FE (III) ION'
3 non-polymer 'MAGNESIUM ION'
4 water water
#
_entity_poly.entity_id   1
_entity_poly.type   'polypeptide(L)'
_entity_poly.pdbx_seq_one_letter_code
;MIDIHCHILPAMDDGAGDSADSIEMARAAVRQGIRTIIATPHHNNGVYKNEPAAVREAADQLNKRLIKEDIPLHVLPGQE
IRIYGEVEQDLAKRQLLSLNDTKYILIEFPFDHVPRYAEQLFYDLQLKGYIPVIAHPERNREIRENPSLLYHLVEKGAAS
QITSGSLAGIFGKQLKAFSLRLVEANLIHFVASDAHNVKTRNFHTQEALYVLEKEFGSELPYMLTENAELLLRNQTIFRQ
PPQPVKRRKLFGFFLEHHHHHH
;
_entity_poly.pdbx_strand_id   A
#
loop_
_chem_comp.id
_chem_comp.type
_chem_comp.name
_chem_comp.formula
FE non-polymer 'FE (III) ION' 'Fe 3'
MG non-polymer 'MAGNESIUM ION' 'Mg 2'
#
# COMPACT_ATOMS: atom_id res chain seq x y z
N MET A 1 1.28 -15.06 1.96
CA MET A 1 1.04 -13.77 1.27
C MET A 1 1.72 -12.60 1.99
N ILE A 2 2.05 -11.58 1.19
CA ILE A 2 2.73 -10.38 1.66
C ILE A 2 1.76 -9.20 1.54
N ASP A 3 1.59 -8.51 2.66
CA ASP A 3 0.73 -7.33 2.67
C ASP A 3 1.64 -6.10 2.72
N ILE A 4 1.55 -5.24 1.70
CA ILE A 4 2.57 -4.19 1.52
C ILE A 4 2.17 -2.80 2.03
N HIS A 5 0.99 -2.72 2.64
CA HIS A 5 0.50 -1.40 3.11
C HIS A 5 -0.45 -1.74 4.23
N CYS A 6 -0.09 -1.34 5.45
CA CYS A 6 -0.85 -1.71 6.63
C CYS A 6 -0.49 -0.86 7.83
N HIS A 7 -1.50 -0.54 8.63
CA HIS A 7 -1.33 0.32 9.82
C HIS A 7 -1.38 -0.45 11.16
N ILE A 8 -0.52 -1.46 11.26
CA ILE A 8 -0.50 -2.41 12.37
C ILE A 8 0.39 -1.95 13.53
N LEU A 9 1.33 -1.05 13.27
CA LEU A 9 2.17 -0.54 14.36
C LEU A 9 1.34 0.35 15.28
N PRO A 10 1.51 0.16 16.60
CA PRO A 10 0.69 0.80 17.62
C PRO A 10 1.17 2.19 17.98
N ALA A 11 0.23 3.04 18.38
CA ALA A 11 0.52 4.38 18.92
C ALA A 11 1.34 5.24 17.95
N MET A 12 1.00 5.15 16.68
CA MET A 12 1.75 5.85 15.63
C MET A 12 0.89 6.68 14.71
N ASP A 13 -0.26 6.14 14.30
CA ASP A 13 -1.18 6.88 13.46
C ASP A 13 -2.64 6.52 13.77
N ASP A 14 -3.51 6.54 12.75
N ASP A 14 -3.49 6.53 12.73
CA ASP A 14 -4.91 6.16 12.95
CA ASP A 14 -4.90 6.16 12.87
C ASP A 14 -5.11 4.63 13.10
C ASP A 14 -5.11 4.64 12.86
N GLY A 15 -4.02 3.88 12.94
CA GLY A 15 -4.06 2.40 13.04
C GLY A 15 -4.11 1.85 14.46
N ALA A 16 -3.38 0.77 14.73
CA ALA A 16 -3.40 0.15 16.05
C ALA A 16 -3.19 1.18 17.16
N GLY A 17 -4.02 1.12 18.20
CA GLY A 17 -3.92 2.05 19.32
C GLY A 17 -2.83 1.63 20.30
N ASP A 18 -2.79 0.33 20.60
CA ASP A 18 -1.78 -0.25 21.48
C ASP A 18 -1.40 -1.64 20.99
N SER A 19 -0.48 -2.30 21.69
CA SER A 19 -0.01 -3.63 21.29
C SER A 19 -1.11 -4.68 21.21
N ALA A 20 -2.10 -4.62 22.11
CA ALA A 20 -3.25 -5.54 22.05
C ALA A 20 -3.96 -5.45 20.69
N ASP A 21 -4.21 -4.22 20.23
CA ASP A 21 -4.81 -3.99 18.92
C ASP A 21 -3.93 -4.56 17.82
N SER A 22 -2.61 -4.31 17.91
CA SER A 22 -1.64 -4.83 16.93
C SER A 22 -1.73 -6.33 16.83
N ILE A 23 -1.79 -6.98 17.99
CA ILE A 23 -1.90 -8.44 18.05
C ILE A 23 -3.21 -8.94 17.42
N GLU A 24 -4.32 -8.25 17.69
CA GLU A 24 -5.58 -8.65 17.11
C GLU A 24 -5.56 -8.49 15.59
N MET A 25 -4.84 -7.48 15.09
CA MET A 25 -4.74 -7.27 13.62
C MET A 25 -3.88 -8.37 13.01
N ALA A 26 -2.80 -8.73 13.71
CA ALA A 26 -1.93 -9.82 13.24
C ALA A 26 -2.67 -11.14 13.15
N ARG A 27 -3.50 -11.44 14.17
CA ARG A 27 -4.32 -12.67 14.16
C ARG A 27 -5.28 -12.63 12.98
N ALA A 28 -5.94 -11.47 12.78
CA ALA A 28 -6.79 -11.28 11.61
C ALA A 28 -6.04 -11.55 10.32
N ALA A 29 -4.82 -11.00 10.21
CA ALA A 29 -4.05 -11.15 8.99
C ALA A 29 -3.68 -12.61 8.76
N VAL A 30 -3.30 -13.32 9.82
CA VAL A 30 -2.98 -14.77 9.70
C VAL A 30 -4.20 -15.55 9.15
N ARG A 31 -5.38 -15.25 9.70
CA ARG A 31 -6.63 -15.89 9.27
C ARG A 31 -6.94 -15.63 7.78
N GLN A 32 -6.41 -14.53 7.22
CA GLN A 32 -6.60 -14.18 5.83
C GLN A 32 -5.54 -14.80 4.94
N GLY A 33 -4.58 -15.51 5.52
CA GLY A 33 -3.51 -16.12 4.77
C GLY A 33 -2.28 -15.25 4.59
N ILE A 34 -2.26 -14.11 5.27
CA ILE A 34 -1.09 -13.23 5.22
C ILE A 34 -0.03 -13.75 6.20
N ARG A 35 1.22 -13.81 5.76
CA ARG A 35 2.31 -14.25 6.65
C ARG A 35 3.32 -13.16 6.95
N THR A 36 3.35 -12.12 6.11
CA THR A 36 4.29 -11.01 6.29
C THR A 36 3.58 -9.68 5.98
N ILE A 37 3.77 -8.72 6.86
CA ILE A 37 3.22 -7.39 6.65
C ILE A 37 4.37 -6.40 6.64
N ILE A 38 4.42 -5.57 5.59
CA ILE A 38 5.24 -4.36 5.61
C ILE A 38 4.40 -3.25 6.26
N ALA A 39 4.77 -2.92 7.50
CA ALA A 39 4.15 -1.83 8.23
C ALA A 39 4.46 -0.54 7.51
N THR A 40 3.43 0.25 7.29
CA THR A 40 3.58 1.51 6.58
C THR A 40 2.87 2.64 7.32
N PRO A 41 3.37 3.01 8.50
CA PRO A 41 2.63 4.09 9.18
C PRO A 41 2.67 5.42 8.39
N HIS A 42 1.63 6.23 8.60
CA HIS A 42 1.55 7.55 7.99
C HIS A 42 2.73 8.40 8.38
N HIS A 43 3.35 9.02 7.41
CA HIS A 43 4.41 9.94 7.72
C HIS A 43 4.14 11.23 6.99
N ASN A 44 3.93 12.31 7.74
CA ASN A 44 3.66 13.63 7.18
C ASN A 44 4.33 14.80 7.93
N ASN A 45 4.55 15.90 7.26
CA ASN A 45 5.32 17.02 7.83
C ASN A 45 4.68 17.72 9.08
N GLY A 46 3.41 17.49 9.36
CA GLY A 46 2.87 17.96 10.60
C GLY A 46 2.16 16.96 11.50
N VAL A 47 1.03 16.47 11.00
CA VAL A 47 0.05 15.67 11.77
C VAL A 47 0.51 14.36 12.28
N TYR A 48 1.16 13.63 11.43
CA TYR A 48 1.76 12.45 11.92
C TYR A 48 3.12 12.47 11.35
N LYS A 49 4.09 12.46 12.24
CA LYS A 49 5.49 12.23 11.90
C LYS A 49 5.89 10.91 12.54
N ASN A 50 6.38 9.99 11.73
CA ASN A 50 6.83 8.68 12.22
C ASN A 50 8.17 8.32 11.61
N GLU A 51 9.24 8.62 12.34
CA GLU A 51 10.60 8.62 11.82
C GLU A 51 11.10 7.20 11.52
N PRO A 52 11.99 7.05 10.53
CA PRO A 52 12.46 5.71 10.19
C PRO A 52 12.88 4.89 11.41
N ALA A 53 13.71 5.47 12.28
CA ALA A 53 14.19 4.75 13.46
C ALA A 53 13.05 4.28 14.38
N ALA A 54 12.03 5.11 14.55
CA ALA A 54 10.92 4.74 15.43
C ALA A 54 10.08 3.61 14.83
N VAL A 55 9.97 3.62 13.50
CA VAL A 55 9.24 2.57 12.78
C VAL A 55 9.96 1.22 12.93
N ARG A 56 11.26 1.24 12.70
CA ARG A 56 12.06 0.01 12.77
C ARG A 56 11.98 -0.61 14.15
N GLU A 57 12.04 0.24 15.17
CA GLU A 57 11.96 -0.18 16.58
C GLU A 57 10.57 -0.72 16.93
N ALA A 58 9.52 -0.01 16.55
CA ALA A 58 8.16 -0.52 16.81
C ALA A 58 7.95 -1.86 16.09
N ALA A 59 8.45 -1.98 14.85
CA ALA A 59 8.30 -3.25 14.11
C ALA A 59 9.06 -4.40 14.78
N ASP A 60 10.26 -4.12 15.28
CA ASP A 60 11.06 -5.15 15.95
C ASP A 60 10.43 -5.56 17.29
N GLN A 61 9.90 -4.59 18.02
CA GLN A 61 9.24 -4.90 19.28
C GLN A 61 7.93 -5.68 19.06
N LEU A 62 7.21 -5.36 17.98
CA LEU A 62 6.00 -6.11 17.66
C LEU A 62 6.33 -7.55 17.28
N ASN A 63 7.35 -7.74 16.46
CA ASN A 63 7.83 -9.09 16.12
C ASN A 63 8.17 -9.94 17.35
N LYS A 64 8.84 -9.34 18.32
CA LYS A 64 9.16 -10.03 19.57
C LYS A 64 7.89 -10.50 20.29
N ARG A 65 6.87 -9.66 20.31
CA ARG A 65 5.61 -10.03 20.94
C ARG A 65 4.92 -11.18 20.19
N LEU A 66 4.98 -11.15 18.86
CA LEU A 66 4.33 -12.18 18.03
C LEU A 66 5.00 -13.55 18.16
N ILE A 67 6.32 -13.54 18.30
CA ILE A 67 7.08 -14.77 18.61
C ILE A 67 6.64 -15.30 19.98
N LYS A 68 6.58 -14.41 20.97
CA LYS A 68 6.03 -14.70 22.30
C LYS A 68 4.66 -15.37 22.22
N GLU A 69 3.74 -14.77 21.47
CA GLU A 69 2.35 -15.24 21.38
C GLU A 69 2.15 -16.41 20.41
N ASP A 70 3.24 -16.84 19.77
CA ASP A 70 3.23 -17.90 18.75
C ASP A 70 2.31 -17.60 17.55
N ILE A 71 2.38 -16.38 17.05
CA ILE A 71 1.60 -15.94 15.89
C ILE A 71 2.51 -15.89 14.68
N PRO A 72 2.20 -16.64 13.65
CA PRO A 72 3.13 -16.75 12.55
C PRO A 72 3.02 -15.64 11.52
N LEU A 73 3.41 -14.46 11.94
CA LEU A 73 3.40 -13.27 11.12
C LEU A 73 4.65 -12.47 11.39
N HIS A 74 5.24 -11.93 10.35
CA HIS A 74 6.48 -11.21 10.43
C HIS A 74 6.22 -9.78 9.97
N VAL A 75 6.70 -8.82 10.72
CA VAL A 75 6.45 -7.40 10.41
C VAL A 75 7.75 -6.71 9.99
N LEU A 76 7.69 -6.03 8.86
CA LEU A 76 8.86 -5.35 8.29
C LEU A 76 8.63 -3.84 8.24
N PRO A 77 9.72 -3.05 8.18
CA PRO A 77 9.60 -1.59 8.19
C PRO A 77 9.21 -0.95 6.85
N GLY A 78 8.45 0.13 6.93
CA GLY A 78 8.15 0.93 5.79
C GLY A 78 7.46 2.19 6.26
N GLN A 79 6.99 2.98 5.29
CA GLN A 79 6.20 4.19 5.57
C GLN A 79 5.19 4.41 4.47
N GLU A 80 4.03 4.95 4.84
CA GLU A 80 3.15 5.55 3.86
C GLU A 80 3.48 7.05 3.79
N ILE A 81 4.19 7.41 2.75
CA ILE A 81 4.77 8.75 2.66
C ILE A 81 3.81 9.69 1.95
N ARG A 82 3.21 10.60 2.72
CA ARG A 82 2.46 11.66 2.09
C ARG A 82 3.42 12.50 1.25
N ILE A 83 3.08 12.58 -0.04
CA ILE A 83 3.94 13.18 -1.03
C ILE A 83 4.34 14.60 -0.63
N TYR A 84 5.61 14.91 -0.81
CA TYR A 84 6.09 16.29 -0.78
C TYR A 84 7.23 16.45 -1.76
N GLY A 85 7.59 17.71 -2.03
CA GLY A 85 8.56 18.02 -3.08
C GLY A 85 9.94 17.38 -2.94
N GLU A 86 10.33 17.11 -1.69
CA GLU A 86 11.72 16.76 -1.36
C GLU A 86 11.90 15.29 -1.00
N VAL A 87 11.01 14.44 -1.49
CA VAL A 87 11.08 12.99 -1.21
C VAL A 87 12.41 12.35 -1.65
N GLU A 88 12.88 12.67 -2.84
CA GLU A 88 14.12 12.06 -3.34
C GLU A 88 15.32 12.36 -2.41
N GLN A 89 15.42 13.63 -2.00
CA GLN A 89 16.50 14.13 -1.13
C GLN A 89 16.50 13.50 0.25
N ASP A 90 15.32 13.44 0.86
CA ASP A 90 15.20 12.94 2.23
C ASP A 90 15.44 11.43 2.27
N LEU A 91 15.07 10.78 1.17
CA LEU A 91 15.30 9.36 1.01
C LEU A 91 16.79 9.08 0.93
N ALA A 92 17.51 9.86 0.13
CA ALA A 92 18.98 9.81 0.05
C ALA A 92 19.64 9.98 1.43
N LYS A 93 19.08 10.88 2.24
CA LYS A 93 19.58 11.14 3.58
C LYS A 93 19.03 10.16 4.64
N ARG A 94 18.35 9.11 4.17
CA ARG A 94 17.76 8.10 5.07
C ARG A 94 16.81 8.68 6.14
N GLN A 95 16.08 9.74 5.78
CA GLN A 95 15.07 10.33 6.66
C GLN A 95 13.67 9.80 6.29
N LEU A 96 13.61 8.98 5.25
CA LEU A 96 12.39 8.27 4.88
C LEU A 96 12.69 6.78 4.69
N LEU A 97 11.66 5.94 4.77
CA LEU A 97 11.80 4.52 4.50
C LEU A 97 11.14 4.10 3.20
N SER A 98 11.83 3.30 2.43
CA SER A 98 11.16 2.58 1.35
C SER A 98 10.59 1.28 1.94
N LEU A 99 9.84 0.52 1.14
CA LEU A 99 9.08 -0.64 1.64
C LEU A 99 10.07 -1.78 1.86
N ASN A 100 10.32 -2.15 3.11
CA ASN A 100 11.32 -3.16 3.47
C ASN A 100 12.73 -2.84 2.97
N ASP A 101 13.09 -1.55 2.92
CA ASP A 101 14.41 -1.10 2.44
C ASP A 101 14.69 -1.56 1.01
N THR A 102 13.64 -1.74 0.25
CA THR A 102 13.70 -2.04 -1.16
C THR A 102 13.63 -0.82 -2.04
N LYS A 103 13.65 -1.06 -3.33
CA LYS A 103 13.47 -0.05 -4.33
C LYS A 103 12.08 0.57 -4.37
N TYR A 104 11.09 -0.14 -3.89
CA TYR A 104 9.71 0.30 -3.97
C TYR A 104 9.40 1.25 -2.82
N ILE A 105 8.84 2.40 -3.14
CA ILE A 105 8.46 3.41 -2.14
C ILE A 105 6.96 3.63 -2.16
N LEU A 106 6.31 3.62 -1.00
CA LEU A 106 4.86 3.86 -0.97
C LEU A 106 4.63 5.34 -0.75
N ILE A 107 4.05 5.97 -1.77
CA ILE A 107 3.76 7.40 -1.75
C ILE A 107 2.25 7.69 -1.84
N GLU A 108 1.76 8.52 -0.91
CA GLU A 108 0.34 8.83 -0.83
C GLU A 108 0.05 10.28 -1.27
N PHE A 109 -0.93 10.46 -2.14
CA PHE A 109 -1.36 11.79 -2.52
C PHE A 109 -2.30 12.33 -1.43
N PRO A 110 -2.40 13.67 -1.31
CA PRO A 110 -3.49 14.19 -0.45
C PRO A 110 -4.83 13.66 -0.96
N PHE A 111 -5.81 13.53 -0.06
CA PHE A 111 -7.07 12.86 -0.42
C PHE A 111 -7.83 13.51 -1.57
N ASP A 112 -7.75 14.84 -1.69
CA ASP A 112 -8.57 15.58 -2.67
C ASP A 112 -7.88 16.00 -3.98
N HIS A 113 -6.61 15.64 -4.17
CA HIS A 113 -5.90 16.08 -5.39
C HIS A 113 -4.59 15.34 -5.68
N VAL A 114 -4.15 15.45 -6.94
CA VAL A 114 -2.83 15.00 -7.36
C VAL A 114 -1.92 16.23 -7.63
N PRO A 115 -0.91 16.47 -6.76
CA PRO A 115 0.00 17.59 -6.99
C PRO A 115 0.69 17.51 -8.35
N ARG A 116 0.79 18.66 -9.02
CA ARG A 116 1.29 18.70 -10.40
C ARG A 116 2.71 18.16 -10.57
N TYR A 117 3.57 18.36 -9.57
CA TYR A 117 4.97 17.90 -9.60
C TYR A 117 5.18 16.39 -9.47
N ALA A 118 4.10 15.64 -9.23
CA ALA A 118 4.20 14.19 -9.03
C ALA A 118 4.95 13.51 -10.17
N GLU A 119 4.51 13.76 -11.40
CA GLU A 119 5.17 13.18 -12.58
C GLU A 119 6.69 13.45 -12.54
N GLN A 120 7.08 14.69 -12.22
CA GLN A 120 8.50 15.07 -12.20
C GLN A 120 9.24 14.36 -11.07
N LEU A 121 8.65 14.39 -9.88
CA LEU A 121 9.20 13.68 -8.74
C LEU A 121 9.40 12.20 -9.06
N PHE A 122 8.41 11.59 -9.71
CA PHE A 122 8.44 10.15 -9.96
C PHE A 122 9.48 9.79 -11.01
N TYR A 123 9.73 10.74 -11.92
CA TYR A 123 10.79 10.56 -12.92
C TYR A 123 12.17 10.64 -12.26
N ASP A 124 12.34 11.59 -11.38
CA ASP A 124 13.56 11.75 -10.63
C ASP A 124 13.81 10.50 -9.80
N LEU A 125 12.75 9.95 -9.20
CA LEU A 125 12.93 8.75 -8.40
C LEU A 125 13.36 7.56 -9.21
N GLN A 126 12.77 7.41 -10.37
CA GLN A 126 13.11 6.31 -11.23
C GLN A 126 14.58 6.33 -11.70
N LEU A 127 15.09 7.51 -11.96
CA LEU A 127 16.48 7.70 -12.32
C LEU A 127 17.46 7.28 -11.23
N LYS A 128 17.01 7.36 -9.98
CA LYS A 128 17.80 6.85 -8.86
C LYS A 128 17.58 5.35 -8.62
N GLY A 129 16.72 4.73 -9.43
CA GLY A 129 16.48 3.29 -9.35
C GLY A 129 15.37 2.94 -8.35
N TYR A 130 14.62 3.95 -7.93
CA TYR A 130 13.44 3.73 -7.09
C TYR A 130 12.21 3.51 -7.96
N ILE A 131 11.22 2.79 -7.44
CA ILE A 131 9.92 2.71 -8.10
C ILE A 131 8.84 3.26 -7.13
N PRO A 132 8.17 4.36 -7.51
CA PRO A 132 7.10 4.87 -6.65
C PRO A 132 5.83 4.04 -6.82
N VAL A 133 5.25 3.64 -5.69
CA VAL A 133 3.98 2.96 -5.68
C VAL A 133 2.91 3.89 -5.10
N ILE A 134 1.94 4.26 -5.92
CA ILE A 134 0.84 5.14 -5.48
C ILE A 134 -0.11 4.41 -4.52
N ALA A 135 -0.32 4.97 -3.32
CA ALA A 135 -1.21 4.37 -2.33
C ALA A 135 -2.65 4.67 -2.65
N HIS A 136 -3.50 3.63 -2.58
CA HIS A 136 -4.95 3.79 -2.71
C HIS A 136 -5.41 4.88 -3.72
N PRO A 137 -5.05 4.73 -5.01
CA PRO A 137 -5.46 5.79 -5.94
C PRO A 137 -6.97 5.88 -6.14
N GLU A 138 -7.68 4.77 -5.91
CA GLU A 138 -9.13 4.74 -5.98
C GLU A 138 -9.80 5.63 -4.94
N ARG A 139 -9.05 6.00 -3.90
CA ARG A 139 -9.61 6.85 -2.83
C ARG A 139 -9.28 8.34 -2.99
N ASN A 140 -8.61 8.68 -4.09
CA ASN A 140 -8.21 10.05 -4.40
C ASN A 140 -9.28 10.72 -5.24
N ARG A 141 -9.84 11.80 -4.71
CA ARG A 141 -10.94 12.50 -5.35
C ARG A 141 -10.65 12.93 -6.75
N GLU A 142 -9.46 13.42 -6.98
CA GLU A 142 -9.10 13.89 -8.31
C GLU A 142 -8.91 12.77 -9.34
N ILE A 143 -8.29 11.66 -8.95
CA ILE A 143 -8.21 10.45 -9.79
C ILE A 143 -9.62 9.88 -10.09
N ARG A 144 -10.53 10.01 -9.12
CA ARG A 144 -11.94 9.64 -9.28
C ARG A 144 -12.60 10.47 -10.39
N GLU A 145 -12.42 11.79 -10.31
CA GLU A 145 -13.01 12.72 -11.27
C GLU A 145 -12.29 12.69 -12.62
N ASN A 146 -11.01 12.32 -12.59
CA ASN A 146 -10.18 12.36 -13.79
C ASN A 146 -9.17 11.22 -13.76
N PRO A 147 -9.63 9.99 -14.07
CA PRO A 147 -8.77 8.80 -13.92
C PRO A 147 -7.59 8.72 -14.90
N SER A 148 -7.56 9.60 -15.90
CA SER A 148 -6.44 9.68 -16.85
C SER A 148 -5.13 10.07 -16.15
N LEU A 149 -5.26 10.81 -15.05
CA LEU A 149 -4.13 11.19 -14.23
C LEU A 149 -3.36 9.95 -13.80
N LEU A 150 -4.09 8.88 -13.46
CA LEU A 150 -3.45 7.62 -13.09
C LEU A 150 -2.86 6.87 -14.29
N TYR A 151 -3.57 6.88 -15.42
CA TYR A 151 -3.05 6.19 -16.59
C TYR A 151 -1.66 6.71 -16.93
N HIS A 152 -1.52 8.04 -16.96
CA HIS A 152 -0.25 8.67 -17.35
C HIS A 152 0.89 8.38 -16.38
N LEU A 153 0.64 8.49 -15.08
CA LEU A 153 1.68 8.22 -14.09
C LEU A 153 2.24 6.81 -14.20
N VAL A 154 1.34 5.85 -14.40
CA VAL A 154 1.68 4.44 -14.51
C VAL A 154 2.44 4.17 -15.81
N GLU A 155 2.03 4.83 -16.88
CA GLU A 155 2.68 4.67 -18.18
C GLU A 155 4.13 5.16 -18.10
N LYS A 156 4.35 6.20 -17.29
CA LYS A 156 5.67 6.81 -17.10
C LYS A 156 6.53 6.07 -16.07
N GLY A 157 5.95 5.03 -15.47
CA GLY A 157 6.72 4.07 -14.69
C GLY A 157 6.22 3.80 -13.28
N ALA A 158 5.33 4.65 -12.78
CA ALA A 158 4.72 4.45 -11.45
C ALA A 158 3.94 3.13 -11.37
N ALA A 159 3.97 2.52 -10.18
CA ALA A 159 3.09 1.40 -9.85
C ALA A 159 2.03 1.93 -8.91
N SER A 160 0.93 1.19 -8.76
CA SER A 160 -0.08 1.55 -7.75
C SER A 160 -0.64 0.35 -7.01
N GLN A 161 -1.20 0.62 -5.83
CA GLN A 161 -1.69 -0.41 -4.93
C GLN A 161 -3.15 -0.10 -4.59
N ILE A 162 -4.04 -1.03 -4.91
CA ILE A 162 -5.49 -0.93 -4.62
C ILE A 162 -5.78 -1.49 -3.23
N THR A 163 -6.80 -0.97 -2.54
CA THR A 163 -7.19 -1.47 -1.24
C THR A 163 -8.13 -2.66 -1.35
N SER A 164 -7.79 -3.76 -0.66
CA SER A 164 -8.65 -4.95 -0.67
C SER A 164 -10.09 -4.57 -0.33
N GLY A 165 -10.23 -3.86 0.78
CA GLY A 165 -11.55 -3.41 1.25
C GLY A 165 -12.37 -2.66 0.20
N SER A 166 -11.71 -1.88 -0.67
CA SER A 166 -12.39 -1.13 -1.73
C SER A 166 -13.06 -2.09 -2.73
N LEU A 167 -12.33 -3.16 -3.06
CA LEU A 167 -12.83 -4.22 -3.94
C LEU A 167 -13.86 -5.14 -3.25
N ALA A 168 -13.69 -5.32 -1.95
CA ALA A 168 -14.62 -6.10 -1.12
C ALA A 168 -15.94 -5.36 -0.88
N GLY A 169 -15.99 -4.08 -1.25
CA GLY A 169 -17.18 -3.26 -1.09
C GLY A 169 -17.42 -2.67 0.27
N ILE A 170 -16.44 -2.71 1.18
CA ILE A 170 -16.65 -2.20 2.54
C ILE A 170 -16.75 -0.66 2.63
N PHE A 171 -16.43 0.01 1.54
CA PHE A 171 -16.47 1.47 1.53
C PHE A 171 -17.54 2.02 0.59
N GLY A 172 -18.50 1.16 0.27
CA GLY A 172 -19.62 1.48 -0.64
C GLY A 172 -19.50 0.76 -1.97
N LYS A 173 -20.62 0.68 -2.71
CA LYS A 173 -20.67 0.01 -4.01
C LYS A 173 -20.01 0.87 -5.09
N GLN A 174 -20.04 2.18 -4.87
CA GLN A 174 -19.44 3.16 -5.78
C GLN A 174 -17.92 3.01 -5.84
N LEU A 175 -17.29 2.94 -4.66
CA LEU A 175 -15.84 2.77 -4.59
C LEU A 175 -15.41 1.43 -5.14
N LYS A 176 -16.27 0.42 -4.99
CA LYS A 176 -15.99 -0.89 -5.56
C LYS A 176 -16.00 -0.83 -7.09
N ALA A 177 -17.02 -0.17 -7.65
CA ALA A 177 -17.17 -0.06 -9.12
C ALA A 177 -15.99 0.69 -9.73
N PHE A 178 -15.62 1.80 -9.08
CA PHE A 178 -14.43 2.54 -9.52
C PHE A 178 -13.17 1.67 -9.47
N SER A 179 -12.96 0.97 -8.35
CA SER A 179 -11.76 0.12 -8.18
C SER A 179 -11.62 -0.90 -9.31
N LEU A 180 -12.74 -1.50 -9.72
CA LEU A 180 -12.69 -2.49 -10.79
C LEU A 180 -12.36 -1.86 -12.15
N ARG A 181 -12.84 -0.64 -12.36
CA ARG A 181 -12.50 0.16 -13.55
C ARG A 181 -10.96 0.31 -13.63
N LEU A 182 -10.35 0.70 -12.51
CA LEU A 182 -8.90 0.86 -12.46
C LEU A 182 -8.13 -0.45 -12.75
N VAL A 183 -8.61 -1.57 -12.20
CA VAL A 183 -7.96 -2.88 -12.40
C VAL A 183 -8.06 -3.35 -13.85
N GLU A 184 -9.24 -3.20 -14.43
CA GLU A 184 -9.45 -3.56 -15.83
C GLU A 184 -8.41 -2.85 -16.72
N ALA A 185 -8.26 -1.55 -16.47
CA ALA A 185 -7.36 -0.69 -17.22
C ALA A 185 -5.87 -0.96 -17.00
N ASN A 186 -5.57 -1.98 -16.18
CA ASN A 186 -4.20 -2.41 -15.90
C ASN A 186 -3.37 -1.42 -15.08
N LEU A 187 -4.04 -0.50 -14.38
CA LEU A 187 -3.35 0.56 -13.62
C LEU A 187 -2.92 0.13 -12.21
N ILE A 188 -3.27 -1.10 -11.83
CA ILE A 188 -3.04 -1.60 -10.47
C ILE A 188 -2.08 -2.78 -10.48
N HIS A 189 -1.06 -2.73 -9.62
CA HIS A 189 0.00 -3.76 -9.59
C HIS A 189 0.08 -4.50 -8.24
N PHE A 190 -0.60 -3.98 -7.22
CA PHE A 190 -0.64 -4.66 -5.93
C PHE A 190 -2.03 -4.55 -5.32
N VAL A 191 -2.40 -5.54 -4.52
CA VAL A 191 -3.56 -5.42 -3.64
C VAL A 191 -3.05 -5.49 -2.22
N ALA A 192 -3.53 -4.59 -1.34
CA ALA A 192 -3.06 -4.59 0.03
C ALA A 192 -4.19 -4.11 0.96
N SER A 193 -4.04 -4.38 2.24
CA SER A 193 -5.12 -4.20 3.22
C SER A 193 -5.40 -2.73 3.54
N ASP A 194 -4.33 -1.96 3.68
CA ASP A 194 -4.42 -0.66 4.33
C ASP A 194 -5.19 -0.83 5.65
N ALA A 195 -5.01 -1.95 6.35
CA ALA A 195 -5.83 -2.20 7.54
C ALA A 195 -5.48 -1.23 8.68
N HIS A 196 -6.50 -0.72 9.36
CA HIS A 196 -6.31 0.13 10.55
C HIS A 196 -6.76 -0.52 11.86
N ASN A 197 -7.70 -1.45 11.75
CA ASN A 197 -8.34 -2.08 12.92
C ASN A 197 -9.12 -3.35 12.50
N VAL A 198 -9.75 -4.04 13.43
CA VAL A 198 -10.52 -5.24 13.09
C VAL A 198 -12.02 -4.92 13.04
N LYS A 199 -12.35 -3.65 13.25
CA LYS A 199 -13.75 -3.20 13.34
C LYS A 199 -14.29 -2.72 11.99
N THR A 200 -13.77 -1.59 11.51
CA THR A 200 -14.25 -0.96 10.28
C THR A 200 -13.26 -0.98 9.12
N ARG A 201 -11.98 -1.09 9.43
CA ARG A 201 -10.96 -1.03 8.37
C ARG A 201 -10.08 -2.25 8.45
N ASN A 202 -10.73 -3.40 8.34
CA ASN A 202 -10.13 -4.71 8.48
C ASN A 202 -9.44 -5.07 7.15
N PHE A 203 -8.99 -6.30 7.01
CA PHE A 203 -8.15 -6.72 5.88
C PHE A 203 -8.97 -7.01 4.59
N HIS A 204 -9.99 -7.85 4.70
CA HIS A 204 -10.82 -8.25 3.53
C HIS A 204 -10.02 -8.84 2.38
N THR A 205 -8.96 -9.58 2.71
CA THR A 205 -7.99 -10.02 1.74
C THR A 205 -8.57 -11.09 0.81
N GLN A 206 -9.14 -12.14 1.42
CA GLN A 206 -9.74 -13.24 0.65
C GLN A 206 -10.94 -12.75 -0.15
N GLU A 207 -11.75 -11.89 0.47
CA GLU A 207 -12.89 -11.30 -0.23
C GLU A 207 -12.48 -10.56 -1.51
N ALA A 208 -11.43 -9.74 -1.40
CA ALA A 208 -10.89 -9.02 -2.56
C ALA A 208 -10.34 -9.95 -3.64
N LEU A 209 -9.66 -11.02 -3.25
CA LEU A 209 -9.05 -11.94 -4.23
C LEU A 209 -10.11 -12.71 -5.00
N TYR A 210 -11.17 -13.04 -4.30
CA TYR A 210 -12.32 -13.73 -4.85
C TYR A 210 -13.06 -12.83 -5.84
N VAL A 211 -13.24 -11.55 -5.49
CA VAL A 211 -13.86 -10.58 -6.39
C VAL A 211 -13.05 -10.43 -7.68
N LEU A 212 -11.73 -10.40 -7.53
CA LEU A 212 -10.81 -10.30 -8.67
C LEU A 212 -10.88 -11.49 -9.62
N GLU A 213 -10.93 -12.70 -9.05
CA GLU A 213 -11.00 -13.95 -9.81
C GLU A 213 -12.33 -14.04 -10.59
N LYS A 214 -13.44 -13.68 -9.95
CA LYS A 214 -14.74 -13.66 -10.62
C LYS A 214 -14.78 -12.61 -11.73
N GLU A 215 -14.24 -11.43 -11.46
CA GLU A 215 -14.28 -10.34 -12.43
C GLU A 215 -13.32 -10.51 -13.61
N PHE A 216 -12.19 -11.19 -13.38
CA PHE A 216 -11.06 -11.20 -14.34
C PHE A 216 -10.42 -12.57 -14.67
N GLY A 217 -10.75 -13.60 -13.95
CA GLY A 217 -10.05 -14.85 -14.13
C GLY A 217 -8.99 -15.03 -13.07
N SER A 218 -8.57 -16.26 -12.88
CA SER A 218 -7.63 -16.69 -11.85
C SER A 218 -6.18 -16.21 -11.93
N GLU A 219 -5.75 -15.88 -13.12
CA GLU A 219 -4.42 -15.39 -13.30
C GLU A 219 -4.17 -13.96 -12.81
N LEU A 220 -5.12 -13.07 -12.96
CA LEU A 220 -4.89 -11.72 -12.48
C LEU A 220 -4.71 -11.53 -10.98
N PRO A 221 -5.51 -12.15 -10.13
CA PRO A 221 -5.21 -12.07 -8.69
C PRO A 221 -3.92 -12.78 -8.33
N TYR A 222 -3.58 -13.86 -9.05
CA TYR A 222 -2.33 -14.57 -8.81
C TYR A 222 -1.13 -13.69 -9.12
N MET A 223 -1.22 -12.90 -10.19
CA MET A 223 -0.14 -12.00 -10.59
C MET A 223 0.06 -10.90 -9.54
N LEU A 224 -1.04 -10.34 -9.06
CA LEU A 224 -0.97 -9.23 -8.09
C LEU A 224 -0.32 -9.69 -6.79
N THR A 225 -0.73 -10.87 -6.33
CA THR A 225 -0.20 -11.53 -5.13
C THR A 225 1.30 -11.80 -5.29
N GLU A 226 1.69 -12.22 -6.49
CA GLU A 226 3.09 -12.52 -6.77
C GLU A 226 3.94 -11.23 -6.86
N ASN A 227 3.36 -10.14 -7.33
CA ASN A 227 4.04 -8.85 -7.33
C ASN A 227 4.52 -8.44 -5.93
N ALA A 228 3.70 -8.73 -4.92
CA ALA A 228 4.10 -8.48 -3.52
C ALA A 228 5.27 -9.35 -3.07
N GLU A 229 5.29 -10.61 -3.50
CA GLU A 229 6.44 -11.47 -3.21
C GLU A 229 7.73 -10.93 -3.85
N LEU A 230 7.61 -10.44 -5.07
CA LEU A 230 8.74 -9.90 -5.80
C LEU A 230 9.22 -8.60 -5.16
N LEU A 231 8.28 -7.74 -4.81
CA LEU A 231 8.59 -6.50 -4.13
C LEU A 231 9.40 -6.75 -2.86
N LEU A 232 9.02 -7.72 -2.06
CA LEU A 232 9.63 -7.95 -0.77
C LEU A 232 11.10 -8.29 -0.86
N ARG A 233 11.44 -9.06 -1.89
CA ARG A 233 12.80 -9.51 -2.13
C ARG A 233 13.48 -8.62 -3.18
N ASN A 234 12.93 -7.41 -3.35
CA ASN A 234 13.54 -6.35 -4.17
C ASN A 234 13.76 -6.72 -5.65
N GLN A 235 12.81 -7.45 -6.21
CA GLN A 235 12.86 -7.89 -7.61
C GLN A 235 11.90 -7.07 -8.47
N THR A 236 12.12 -7.12 -9.79
CA THR A 236 11.23 -6.47 -10.77
C THR A 236 9.83 -7.12 -10.72
N ILE A 237 8.79 -6.30 -10.84
CA ILE A 237 7.40 -6.76 -10.84
C ILE A 237 6.80 -6.92 -12.24
N PHE A 238 5.77 -7.75 -12.34
CA PHE A 238 5.03 -7.95 -13.58
C PHE A 238 4.09 -6.80 -13.87
N ARG A 239 4.27 -6.19 -15.03
CA ARG A 239 3.39 -5.12 -15.47
C ARG A 239 2.66 -5.55 -16.74
N GLN A 240 1.43 -5.07 -16.90
CA GLN A 240 0.69 -5.21 -18.14
C GLN A 240 0.51 -3.83 -18.77
N PRO A 241 0.39 -3.77 -20.11
CA PRO A 241 0.24 -2.48 -20.79
C PRO A 241 -0.96 -1.65 -20.31
N PRO A 242 -0.69 -0.49 -19.69
CA PRO A 242 -1.79 0.36 -19.18
C PRO A 242 -2.73 0.85 -20.28
N GLN A 243 -3.98 1.13 -19.92
CA GLN A 243 -4.98 1.64 -20.87
C GLN A 243 -5.88 2.70 -20.25
N PRO A 244 -6.63 3.41 -21.06
CA PRO A 244 -7.54 4.44 -20.60
C PRO A 244 -8.72 3.87 -19.83
N VAL A 245 -9.27 4.65 -18.93
CA VAL A 245 -10.29 4.15 -18.02
C VAL A 245 -11.70 4.45 -18.48
N LYS A 246 -12.50 3.39 -18.55
CA LYS A 246 -13.90 3.47 -18.97
C LYS A 246 -14.79 4.13 -17.95
N ARG A 247 -15.82 4.83 -18.44
CA ARG A 247 -16.84 5.40 -17.56
C ARG A 247 -18.01 4.42 -17.42
FE FE B . -3.56 6.65 3.09
FE FE C . -2.67 3.71 4.68
MG MG D . -4.56 6.05 7.81
#